data_5E3G
#
_entry.id   5E3G
#
_cell.length_a   60.859
_cell.length_b   60.859
_cell.length_c   62.996
_cell.angle_alpha   90.00
_cell.angle_beta   90.00
_cell.angle_gamma   120.00
#
_symmetry.space_group_name_H-M   'P 32 2 1'
#
loop_
_entity.id
_entity.type
_entity.pdbx_description
1 polymer Peregrin
2 non-polymer 2-thioxo-2,3,7,9-tetrahydro-1H-purine-6,8-dione
3 non-polymer 'NITRATE ION'
4 water water
#
_entity_poly.entity_id   1
_entity_poly.type   'polypeptide(L)'
_entity_poly.pdbx_seq_one_letter_code
;SMEMQLTPFLILLRKTLEQLQEKDTGNIFSEPVPLSEVPDYLDHIKKPMDFFTMKQNLEAYRYLNFDDFEEDFNLIVSNC
LKYNAKDTIFYRAAVRLREQGGAVLRQARRQAEKMG
;
_entity_poly.pdbx_strand_id   A
#
# COMPACT_ATOMS: atom_id res chain seq x y z
N MET A 4 13.55 13.38 -15.63
CA MET A 4 12.38 12.50 -15.56
C MET A 4 11.09 13.28 -15.76
N GLN A 5 10.24 12.79 -16.67
CA GLN A 5 8.95 13.42 -16.94
C GLN A 5 7.90 12.88 -15.98
N LEU A 6 6.98 13.76 -15.59
CA LEU A 6 5.98 13.39 -14.59
C LEU A 6 5.01 12.35 -15.13
N THR A 7 4.51 12.56 -16.36
CA THR A 7 3.45 11.69 -16.89
C THR A 7 3.86 10.22 -16.94
N PRO A 8 5.00 9.83 -17.54
CA PRO A 8 5.32 8.38 -17.55
C PRO A 8 5.53 7.81 -16.16
N PHE A 9 6.10 8.61 -15.25
CA PHE A 9 6.28 8.16 -13.88
C PHE A 9 4.95 7.85 -13.21
N LEU A 10 3.95 8.72 -13.41
CA LEU A 10 2.66 8.47 -12.77
C LEU A 10 1.95 7.30 -13.44
N ILE A 11 2.13 7.14 -14.74
CA ILE A 11 1.61 5.94 -15.42
C ILE A 11 2.20 4.68 -14.78
N LEU A 12 3.49 4.70 -14.50
CA LEU A 12 4.13 3.56 -13.85
C LEU A 12 3.57 3.31 -12.45
N LEU A 13 3.40 4.38 -11.64
CA LEU A 13 2.85 4.17 -10.31
C LEU A 13 1.41 3.65 -10.35
N ARG A 14 0.62 4.09 -11.33
CA ARG A 14 -0.74 3.56 -11.48
C ARG A 14 -0.70 2.06 -11.72
N LYS A 15 0.15 1.63 -12.66
CA LYS A 15 0.29 0.21 -12.96
C LYS A 15 0.80 -0.57 -11.76
N THR A 16 1.78 -0.02 -11.05
CA THR A 16 2.32 -0.69 -9.86
C THR A 16 1.27 -0.82 -8.78
N LEU A 17 0.48 0.23 -8.56
CA LEU A 17 -0.58 0.15 -7.56
C LEU A 17 -1.58 -0.93 -7.94
N GLU A 18 -1.94 -1.03 -9.23
CA GLU A 18 -2.82 -2.08 -9.68
C GLU A 18 -2.23 -3.45 -9.39
N GLN A 19 -0.93 -3.62 -9.61
CA GLN A 19 -0.29 -4.93 -9.37
C GLN A 19 -0.29 -5.28 -7.90
N LEU A 20 -0.03 -4.29 -7.04
CA LEU A 20 -0.09 -4.50 -5.60
C LEU A 20 -1.49 -4.90 -5.18
N GLN A 21 -2.50 -4.19 -5.67
CA GLN A 21 -3.88 -4.56 -5.33
C GLN A 21 -4.21 -5.97 -5.78
N GLU A 22 -3.65 -6.42 -6.91
CA GLU A 22 -3.90 -7.77 -7.40
C GLU A 22 -3.41 -8.84 -6.44
N LYS A 23 -2.38 -8.54 -5.64
CA LYS A 23 -1.89 -9.47 -4.64
C LYS A 23 -2.79 -9.57 -3.43
N ASP A 24 -3.65 -8.57 -3.21
CA ASP A 24 -4.59 -8.53 -2.08
C ASP A 24 -5.89 -9.14 -2.59
N THR A 25 -5.91 -10.47 -2.68
CA THR A 25 -7.04 -11.12 -3.34
C THR A 25 -8.31 -11.01 -2.51
N GLY A 26 -8.19 -10.99 -1.19
CA GLY A 26 -9.32 -10.73 -0.34
C GLY A 26 -9.84 -9.32 -0.38
N ASN A 27 -9.10 -8.40 -1.01
CA ASN A 27 -9.43 -6.98 -0.99
C ASN A 27 -9.58 -6.48 0.44
N ILE A 28 -8.74 -7.00 1.33
CA ILE A 28 -8.93 -6.60 2.73
C ILE A 28 -8.24 -5.28 3.02
N PHE A 29 -7.41 -4.79 2.09
CA PHE A 29 -6.73 -3.50 2.19
C PHE A 29 -7.22 -2.50 1.15
N SER A 30 -8.39 -2.75 0.55
CA SER A 30 -8.82 -1.91 -0.56
CA SER A 30 -8.85 -1.93 -0.56
C SER A 30 -9.35 -0.56 -0.09
N GLU A 31 -9.86 -0.48 1.13
CA GLU A 31 -10.52 0.72 1.64
C GLU A 31 -10.05 0.97 3.07
N PRO A 32 -10.21 2.20 3.57
CA PRO A 32 -9.80 2.48 4.95
C PRO A 32 -10.42 1.50 5.94
N VAL A 33 -9.69 1.24 7.02
CA VAL A 33 -10.23 0.43 8.12
C VAL A 33 -11.42 1.18 8.71
N PRO A 34 -12.63 0.61 8.69
CA PRO A 34 -13.81 1.35 9.17
C PRO A 34 -13.79 1.59 10.67
N LEU A 35 -13.48 2.83 11.08
CA LEU A 35 -13.40 3.16 12.49
C LEU A 35 -14.71 2.89 13.22
N SER A 36 -15.84 2.88 12.50
CA SER A 36 -17.12 2.58 13.13
C SER A 36 -17.19 1.14 13.61
N GLU A 37 -16.51 0.22 12.92
CA GLU A 37 -16.53 -1.19 13.30
C GLU A 37 -15.30 -1.61 14.09
N VAL A 38 -14.21 -0.86 13.99
CA VAL A 38 -13.02 -1.10 14.79
C VAL A 38 -12.76 0.16 15.61
N PRO A 39 -13.58 0.43 16.64
CA PRO A 39 -13.52 1.74 17.30
C PRO A 39 -12.19 2.05 17.96
N ASP A 40 -11.40 1.05 18.33
CA ASP A 40 -10.12 1.27 18.99
C ASP A 40 -8.95 1.39 18.02
N TYR A 41 -9.22 1.44 16.72
CA TYR A 41 -8.15 1.33 15.73
C TYR A 41 -7.14 2.46 15.87
N LEU A 42 -7.61 3.70 15.97
CA LEU A 42 -6.70 4.85 16.01
C LEU A 42 -5.94 4.98 17.32
N ASP A 43 -6.16 4.09 18.30
CA ASP A 43 -5.46 4.18 19.57
C ASP A 43 -3.95 4.12 19.39
N HIS A 44 -3.47 3.22 18.53
CA HIS A 44 -2.04 3.07 18.29
C HIS A 44 -1.66 3.07 16.82
N ILE A 45 -2.63 3.16 15.92
CA ILE A 45 -2.35 3.35 14.50
C ILE A 45 -2.38 4.85 14.26
N LYS A 46 -1.20 5.46 14.10
CA LYS A 46 -1.12 6.90 14.00
C LYS A 46 -1.32 7.40 12.58
N LYS A 47 -1.17 6.56 11.57
CA LYS A 47 -1.43 6.94 10.19
C LYS A 47 -2.03 5.77 9.44
N PRO A 48 -3.36 5.65 9.45
CA PRO A 48 -4.02 4.61 8.65
C PRO A 48 -3.66 4.76 7.19
N MET A 49 -3.69 3.64 6.47
CA MET A 49 -3.44 3.67 5.04
C MET A 49 -4.11 2.47 4.38
N ASP A 50 -4.44 2.63 3.10
CA ASP A 50 -5.15 1.63 2.32
C ASP A 50 -4.97 1.97 0.84
N PHE A 51 -5.38 1.03 -0.02
CA PHE A 51 -5.13 1.23 -1.44
C PHE A 51 -5.99 2.35 -2.04
N PHE A 52 -7.22 2.53 -1.57
CA PHE A 52 -8.05 3.61 -2.09
C PHE A 52 -7.41 4.96 -1.79
N THR A 53 -6.98 5.15 -0.54
CA THR A 53 -6.28 6.37 -0.18
C THR A 53 -5.02 6.55 -1.00
N MET A 54 -4.30 5.46 -1.28
CA MET A 54 -3.09 5.57 -2.09
C MET A 54 -3.40 6.05 -3.50
N LYS A 55 -4.49 5.57 -4.08
CA LYS A 55 -4.90 6.05 -5.40
C LYS A 55 -5.24 7.54 -5.36
N GLN A 56 -5.91 7.99 -4.29
N GLN A 56 -5.92 7.98 -4.30
CA GLN A 56 -6.23 9.40 -4.17
CA GLN A 56 -6.23 9.40 -4.15
C GLN A 56 -4.96 10.24 -4.02
C GLN A 56 -4.95 10.22 -4.05
N ASN A 57 -4.00 9.75 -3.24
CA ASN A 57 -2.73 10.46 -3.09
C ASN A 57 -1.97 10.48 -4.40
N LEU A 58 -1.96 9.37 -5.14
CA LEU A 58 -1.30 9.31 -6.43
C LEU A 58 -1.82 10.42 -7.36
N GLU A 59 -3.15 10.51 -7.50
CA GLU A 59 -3.73 11.50 -8.40
C GLU A 59 -3.69 12.90 -7.85
N ALA A 60 -3.47 13.07 -6.55
CA ALA A 60 -3.21 14.39 -5.98
C ALA A 60 -1.75 14.80 -6.10
N TYR A 61 -0.97 14.07 -6.89
CA TYR A 61 0.46 14.34 -7.07
C TYR A 61 1.23 14.26 -5.76
N ARG A 62 0.79 13.42 -4.83
CA ARG A 62 1.50 13.32 -3.56
C ARG A 62 2.62 12.31 -3.58
N TYR A 63 2.76 11.54 -4.66
CA TYR A 63 3.87 10.60 -4.84
C TYR A 63 4.69 11.09 -6.03
N LEU A 64 5.76 11.81 -5.76
CA LEU A 64 6.62 12.32 -6.82
C LEU A 64 7.93 11.56 -6.90
N ASN A 65 8.10 10.55 -6.06
CA ASN A 65 9.25 9.66 -6.13
C ASN A 65 8.81 8.30 -5.64
N PHE A 66 9.64 7.30 -5.93
CA PHE A 66 9.20 5.95 -5.64
C PHE A 66 9.13 5.70 -4.14
N ASP A 67 9.99 6.35 -3.36
CA ASP A 67 10.04 6.01 -1.95
C ASP A 67 8.80 6.48 -1.19
N ASP A 68 8.22 7.62 -1.58
CA ASP A 68 7.01 8.06 -0.90
C ASP A 68 5.86 7.13 -1.19
N PHE A 69 5.79 6.59 -2.41
CA PHE A 69 4.77 5.62 -2.78
C PHE A 69 4.97 4.34 -1.98
N GLU A 70 6.19 3.83 -1.96
CA GLU A 70 6.51 2.60 -1.23
C GLU A 70 6.30 2.76 0.27
N GLU A 71 6.57 3.96 0.80
CA GLU A 71 6.34 4.21 2.23
C GLU A 71 4.88 3.97 2.60
N ASP A 72 3.94 4.45 1.78
CA ASP A 72 2.53 4.27 2.12
C ASP A 72 2.10 2.82 1.96
N PHE A 73 2.61 2.14 0.93
CA PHE A 73 2.36 0.70 0.85
C PHE A 73 2.85 0.00 2.11
N ASN A 74 4.06 0.32 2.56
CA ASN A 74 4.58 -0.32 3.76
C ASN A 74 3.70 -0.04 4.97
N LEU A 75 3.04 1.12 5.02
CA LEU A 75 2.14 1.43 6.12
C LEU A 75 0.92 0.51 6.11
N ILE A 76 0.39 0.21 4.93
CA ILE A 76 -0.70 -0.77 4.84
C ILE A 76 -0.29 -2.05 5.55
N VAL A 77 0.90 -2.54 5.22
CA VAL A 77 1.40 -3.77 5.83
C VAL A 77 1.66 -3.59 7.32
N SER A 78 2.41 -2.54 7.69
CA SER A 78 2.85 -2.43 9.08
CA SER A 78 2.85 -2.41 9.07
C SER A 78 1.69 -2.15 10.01
N ASN A 79 0.71 -1.35 9.58
CA ASN A 79 -0.47 -1.11 10.43
C ASN A 79 -1.19 -2.41 10.74
N CYS A 80 -1.30 -3.28 9.74
CA CYS A 80 -2.02 -4.53 9.90
C CYS A 80 -1.29 -5.48 10.84
N LEU A 81 0.04 -5.59 10.68
CA LEU A 81 0.83 -6.39 11.60
C LEU A 81 0.72 -5.87 13.03
N LYS A 82 0.67 -4.54 13.18
CA LYS A 82 0.62 -3.95 14.50
C LYS A 82 -0.72 -4.20 15.18
N TYR A 83 -1.81 -3.96 14.47
CA TYR A 83 -3.12 -4.00 15.12
C TYR A 83 -3.56 -5.42 15.45
N ASN A 84 -3.25 -6.39 14.59
CA ASN A 84 -3.86 -7.71 14.63
C ASN A 84 -2.92 -8.73 15.25
N ALA A 85 -3.50 -9.66 16.01
CA ALA A 85 -2.71 -10.72 16.62
C ALA A 85 -2.11 -11.61 15.53
N LYS A 86 -1.01 -12.27 15.89
CA LYS A 86 -0.27 -13.05 14.91
C LYS A 86 -1.08 -14.22 14.36
N ASP A 87 -2.00 -14.77 15.15
CA ASP A 87 -2.73 -15.96 14.75
C ASP A 87 -3.97 -15.65 13.94
N THR A 88 -4.11 -14.45 13.41
CA THR A 88 -5.29 -14.04 12.66
C THR A 88 -5.03 -14.13 11.17
N ILE A 89 -6.13 -14.25 10.42
CA ILE A 89 -6.06 -14.16 8.96
C ILE A 89 -5.48 -12.81 8.54
N PHE A 90 -5.90 -11.70 9.19
CA PHE A 90 -5.41 -10.38 8.84
C PHE A 90 -3.89 -10.31 8.91
N TYR A 91 -3.31 -10.80 10.01
CA TYR A 91 -1.87 -10.69 10.17
C TYR A 91 -1.15 -11.48 9.07
N ARG A 92 -1.61 -12.71 8.81
CA ARG A 92 -0.97 -13.51 7.78
C ARG A 92 -1.15 -12.90 6.39
N ALA A 93 -2.28 -12.25 6.14
CA ALA A 93 -2.49 -11.57 4.86
C ALA A 93 -1.49 -10.44 4.67
N ALA A 94 -1.20 -9.70 5.74
CA ALA A 94 -0.22 -8.63 5.64
C ALA A 94 1.18 -9.18 5.37
N VAL A 95 1.54 -10.28 6.04
CA VAL A 95 2.82 -10.94 5.77
C VAL A 95 2.91 -11.32 4.29
N ARG A 96 1.85 -11.92 3.76
CA ARG A 96 1.88 -12.37 2.37
C ARG A 96 1.94 -11.19 1.42
N LEU A 97 1.20 -10.12 1.73
CA LEU A 97 1.28 -8.90 0.92
C LEU A 97 2.67 -8.32 0.96
N ARG A 98 3.32 -8.30 2.14
CA ARG A 98 4.69 -7.79 2.22
C ARG A 98 5.61 -8.58 1.30
N GLU A 99 5.47 -9.91 1.30
CA GLU A 99 6.32 -10.77 0.50
C GLU A 99 6.05 -10.57 -0.98
N GLN A 100 4.79 -10.68 -1.38
CA GLN A 100 4.47 -10.58 -2.81
C GLN A 100 4.65 -9.16 -3.33
N GLY A 101 4.35 -8.16 -2.50
CA GLY A 101 4.52 -6.77 -2.91
C GLY A 101 5.96 -6.37 -3.10
N GLY A 102 6.87 -6.98 -2.34
CA GLY A 102 8.28 -6.61 -2.47
C GLY A 102 8.85 -6.89 -3.85
N ALA A 103 8.46 -8.02 -4.45
CA ALA A 103 8.91 -8.29 -5.81
C ALA A 103 8.29 -7.30 -6.80
N VAL A 104 7.01 -6.97 -6.63
CA VAL A 104 6.36 -6.01 -7.49
C VAL A 104 7.05 -4.67 -7.42
N LEU A 105 7.40 -4.25 -6.19
CA LEU A 105 8.02 -2.94 -5.99
C LEU A 105 9.44 -2.90 -6.55
N ARG A 106 10.20 -3.99 -6.38
N ARG A 106 10.18 -3.99 -6.37
CA ARG A 106 11.55 -4.00 -6.91
CA ARG A 106 11.54 -4.07 -6.89
C ARG A 106 11.55 -3.88 -8.43
C ARG A 106 11.56 -3.92 -8.41
N GLN A 107 10.64 -4.60 -9.09
CA GLN A 107 10.57 -4.52 -10.55
C GLN A 107 10.09 -3.15 -11.01
N ALA A 108 9.13 -2.56 -10.30
CA ALA A 108 8.68 -1.22 -10.66
C ALA A 108 9.79 -0.20 -10.51
N ARG A 109 10.58 -0.33 -9.44
CA ARG A 109 11.64 0.66 -9.22
C ARG A 109 12.73 0.53 -10.26
N ARG A 110 13.02 -0.69 -10.71
CA ARG A 110 13.93 -0.87 -11.84
C ARG A 110 13.44 -0.11 -13.06
N GLN A 111 12.14 -0.23 -13.36
CA GLN A 111 11.55 0.53 -14.46
C GLN A 111 11.70 2.02 -14.24
N ALA A 112 11.44 2.51 -13.03
CA ALA A 112 11.50 3.94 -12.75
C ALA A 112 12.92 4.47 -12.97
N GLU A 113 13.91 3.79 -12.40
CA GLU A 113 15.29 4.27 -12.48
C GLU A 113 15.81 4.34 -13.91
N LYS A 114 15.18 3.61 -14.84
CA LYS A 114 15.54 3.74 -16.26
C LYS A 114 15.04 5.03 -16.89
N MET A 115 14.13 5.73 -16.24
CA MET A 115 13.55 6.96 -16.78
C MET A 115 14.52 8.14 -16.64
#